data_1QN4
#
_entry.id   1QN4
#
_cell.length_a   42.000
_cell.length_b   57.000
_cell.length_c   147.000
_cell.angle_alpha   90.00
_cell.angle_beta   96.00
_cell.angle_gamma   90.00
#
_symmetry.space_group_name_H-M   'P 1 21 1'
#
loop_
_entity.id
_entity.type
_entity.pdbx_description
1 polymer 'TRANSCRIPTION INITIATION FACTOR TFIID-1'
2 polymer "DNA (5'-D(*GP*CP*TP*AP*TP*AP*AP*AP*AP*TP*GP*GP*CP*A)-3')"
3 polymer "DNA (5'-D(*TP*GP*CP*CP*AP*TP*TP*TP*TP*AP*TP*AP*GP*C)-3')"
4 water water
#
loop_
_entity_poly.entity_id
_entity_poly.type
_entity_poly.pdbx_seq_one_letter_code
_entity_poly.pdbx_strand_id
1 'polypeptide(L)'
;MTDQGLEGSNPVDLSKHPSGIVPTLQNIVSTVNLDCKLDLKAIALQARNAEYNPKRFAAVIMRIREPKTTALIFASGKMV
CTGAKSEDFSKMAARKYARIVQKLGFPAKFKDFKIQNIVGSCDVKFPIRLEGLAYSHAAFSSYEPELFPGLIYRMKVPKI
VLLIFVSGKIVITGAKMRDETYKAFENIYPVLSEFRKIQQ
;
A,B
2 'polydeoxyribonucleotide' (DG)(DC)(DT)(DA)(DT)(DA)(DA)(DA)(DA)(DT)(DG)(DG)(DC)(DA) C,E
3 'polydeoxyribonucleotide' (DT)(DG)(DC)(DC)(DA)(DT)(DT)(DT)(DT)(DA)(DT)(DA)(DG)(DC) D,F
#
# COMPACT_ATOMS: atom_id res chain seq x y z
N LYS A 16 -2.02 -12.85 -1.32
CA LYS A 16 -0.90 -12.38 -2.21
C LYS A 16 -1.30 -11.05 -2.84
N HIS A 17 -2.27 -10.41 -2.21
CA HIS A 17 -2.77 -9.12 -2.65
C HIS A 17 -2.90 -8.19 -1.44
N PRO A 18 -1.76 -7.82 -0.83
CA PRO A 18 -1.69 -6.93 0.34
C PRO A 18 -2.39 -5.61 0.10
N SER A 19 -2.38 -5.16 -1.16
CA SER A 19 -3.04 -3.91 -1.56
C SER A 19 -4.53 -4.05 -1.42
N GLY A 20 -5.01 -5.28 -1.52
CA GLY A 20 -6.42 -5.57 -1.42
C GLY A 20 -7.13 -5.39 -2.76
N ILE A 21 -6.36 -5.18 -3.81
CA ILE A 21 -6.92 -5.00 -5.15
C ILE A 21 -6.40 -6.15 -5.99
N VAL A 22 -7.28 -6.81 -6.70
CA VAL A 22 -6.87 -7.91 -7.55
C VAL A 22 -7.02 -7.52 -9.02
N PRO A 23 -5.90 -7.46 -9.77
CA PRO A 23 -5.96 -7.11 -11.19
C PRO A 23 -6.88 -8.11 -11.91
N THR A 24 -7.73 -7.59 -12.79
CA THR A 24 -8.65 -8.39 -13.58
C THR A 24 -7.96 -8.81 -14.88
N LEU A 25 -7.95 -10.10 -15.18
CA LEU A 25 -7.35 -10.59 -16.40
C LEU A 25 -8.29 -10.19 -17.54
N GLN A 26 -7.75 -9.55 -18.56
CA GLN A 26 -8.52 -9.03 -19.69
C GLN A 26 -8.28 -9.71 -21.03
N ASN A 27 -7.12 -10.33 -21.19
CA ASN A 27 -6.77 -10.93 -22.46
C ASN A 27 -5.68 -11.95 -22.20
N ILE A 28 -5.78 -13.08 -22.90
CA ILE A 28 -4.81 -14.17 -22.78
C ILE A 28 -4.40 -14.55 -24.20
N VAL A 29 -3.10 -14.70 -24.45
CA VAL A 29 -2.60 -15.11 -25.75
C VAL A 29 -1.93 -16.45 -25.51
N SER A 30 -2.28 -17.45 -26.31
CA SER A 30 -1.68 -18.76 -26.18
C SER A 30 -1.37 -19.33 -27.55
N THR A 31 -0.56 -20.39 -27.57
CA THR A 31 -0.17 -21.09 -28.78
C THR A 31 -0.26 -22.59 -28.49
N VAL A 32 -0.45 -23.36 -29.56
CA VAL A 32 -0.52 -24.81 -29.49
C VAL A 32 -0.11 -25.30 -30.88
N ASN A 33 0.44 -26.50 -30.95
CA ASN A 33 0.88 -27.08 -32.21
C ASN A 33 -0.12 -28.17 -32.57
N LEU A 34 -0.84 -27.98 -33.67
CA LEU A 34 -1.82 -28.97 -34.13
C LEU A 34 -1.09 -30.23 -34.61
N ASP A 35 0.21 -30.09 -34.84
CA ASP A 35 1.06 -31.19 -35.23
C ASP A 35 0.75 -31.81 -36.58
N CYS A 36 0.35 -30.97 -37.54
CA CYS A 36 0.07 -31.44 -38.89
C CYS A 36 -0.04 -30.25 -39.82
N LYS A 37 0.39 -30.43 -41.06
CA LYS A 37 0.32 -29.35 -42.05
C LYS A 37 -1.13 -29.04 -42.41
N LEU A 38 -1.48 -27.77 -42.51
CA LEU A 38 -2.86 -27.43 -42.82
C LEU A 38 -2.99 -26.76 -44.16
N ASP A 39 -4.09 -27.02 -44.87
CA ASP A 39 -4.33 -26.38 -46.17
C ASP A 39 -5.23 -25.20 -45.87
N LEU A 40 -4.64 -24.01 -45.81
CA LEU A 40 -5.37 -22.80 -45.45
C LEU A 40 -6.54 -22.43 -46.34
N LYS A 41 -6.39 -22.53 -47.66
CA LYS A 41 -7.51 -22.18 -48.52
C LYS A 41 -8.66 -23.16 -48.41
N ALA A 42 -8.33 -24.43 -48.20
CA ALA A 42 -9.35 -25.46 -48.04
C ALA A 42 -10.15 -25.16 -46.76
N ILE A 43 -9.45 -24.71 -45.73
CA ILE A 43 -10.08 -24.36 -44.46
C ILE A 43 -10.97 -23.12 -44.64
N ALA A 44 -10.42 -22.07 -45.23
CA ALA A 44 -11.15 -20.85 -45.45
C ALA A 44 -12.43 -21.08 -46.28
N LEU A 45 -12.36 -21.99 -47.25
CA LEU A 45 -13.53 -22.26 -48.07
C LEU A 45 -14.57 -23.10 -47.32
N GLN A 46 -14.13 -24.03 -46.49
CA GLN A 46 -15.02 -24.91 -45.73
C GLN A 46 -15.60 -24.30 -44.45
N ALA A 47 -14.75 -23.63 -43.69
CA ALA A 47 -15.14 -23.05 -42.39
C ALA A 47 -16.15 -21.91 -42.49
N ARG A 48 -16.89 -21.73 -41.41
CA ARG A 48 -17.92 -20.69 -41.34
C ARG A 48 -17.34 -19.29 -41.14
N ASN A 49 -17.12 -18.93 -39.89
CA ASN A 49 -16.63 -17.60 -39.58
C ASN A 49 -15.11 -17.58 -39.68
N ALA A 50 -14.57 -17.77 -40.90
CA ALA A 50 -13.12 -17.83 -41.15
C ALA A 50 -12.65 -16.94 -42.30
N GLU A 51 -11.66 -16.10 -42.03
CA GLU A 51 -11.12 -15.20 -43.05
C GLU A 51 -9.68 -15.57 -43.39
N TYR A 52 -9.27 -15.29 -44.62
CA TYR A 52 -7.93 -15.64 -45.05
C TYR A 52 -7.42 -14.84 -46.24
N ASN A 53 -6.51 -13.90 -45.99
CA ASN A 53 -5.92 -13.10 -47.06
C ASN A 53 -4.40 -13.19 -46.94
N PRO A 54 -3.79 -14.10 -47.72
CA PRO A 54 -2.34 -14.37 -47.77
C PRO A 54 -1.48 -13.12 -47.94
N LYS A 55 -1.94 -12.18 -48.73
CA LYS A 55 -1.19 -10.95 -48.97
C LYS A 55 -1.16 -10.05 -47.74
N ARG A 56 -2.02 -10.34 -46.77
CA ARG A 56 -2.11 -9.55 -45.55
C ARG A 56 -1.41 -10.25 -44.36
N PHE A 57 -1.63 -11.56 -44.25
CA PHE A 57 -1.05 -12.34 -43.16
C PHE A 57 -1.21 -13.80 -43.57
N ALA A 58 -0.20 -14.61 -43.28
CA ALA A 58 -0.21 -16.03 -43.65
C ALA A 58 -0.95 -16.91 -42.65
N ALA A 59 -2.19 -16.54 -42.33
CA ALA A 59 -2.99 -17.29 -41.38
C ALA A 59 -4.46 -17.16 -41.66
N VAL A 60 -5.19 -18.22 -41.34
CA VAL A 60 -6.65 -18.24 -41.43
C VAL A 60 -7.07 -17.64 -40.08
N ILE A 61 -7.93 -16.65 -40.10
CA ILE A 61 -8.42 -16.00 -38.89
C ILE A 61 -9.82 -16.53 -38.66
N MET A 62 -10.01 -17.16 -37.51
CA MET A 62 -11.29 -17.77 -37.22
C MET A 62 -11.75 -17.32 -35.85
N ARG A 63 -13.05 -17.25 -35.65
CA ARG A 63 -13.57 -16.84 -34.35
C ARG A 63 -14.68 -17.75 -33.83
N ILE A 64 -14.70 -17.95 -32.50
CA ILE A 64 -15.79 -18.68 -31.86
C ILE A 64 -16.40 -17.75 -30.80
N ARG A 65 -17.66 -17.97 -30.46
CA ARG A 65 -18.36 -17.12 -29.48
C ARG A 65 -18.10 -17.42 -28.02
N GLU A 66 -17.87 -18.69 -27.69
CA GLU A 66 -17.65 -19.07 -26.31
C GLU A 66 -16.58 -20.13 -26.18
N PRO A 67 -15.45 -19.80 -25.53
CA PRO A 67 -15.13 -18.49 -24.96
C PRO A 67 -14.85 -17.56 -26.12
N LYS A 68 -15.34 -16.33 -26.04
CA LYS A 68 -15.14 -15.36 -27.12
C LYS A 68 -13.63 -15.20 -27.38
N THR A 69 -13.18 -15.69 -28.53
CA THR A 69 -11.77 -15.64 -28.89
C THR A 69 -11.58 -15.55 -30.41
N THR A 70 -10.33 -15.34 -30.82
CA THR A 70 -9.93 -15.29 -32.22
C THR A 70 -8.68 -16.19 -32.33
N ALA A 71 -8.64 -17.03 -33.36
CA ALA A 71 -7.52 -17.92 -33.59
C ALA A 71 -6.84 -17.55 -34.88
N LEU A 72 -5.52 -17.68 -34.89
CA LEU A 72 -4.71 -17.43 -36.07
C LEU A 72 -4.16 -18.83 -36.35
N ILE A 73 -4.62 -19.43 -37.45
CA ILE A 73 -4.25 -20.78 -37.85
C ILE A 73 -3.26 -20.73 -39.02
N PHE A 74 -2.09 -21.34 -38.82
CA PHE A 74 -1.03 -21.34 -39.85
C PHE A 74 -0.88 -22.68 -40.59
N ALA A 75 -0.31 -22.63 -41.80
CA ALA A 75 -0.12 -23.84 -42.61
C ALA A 75 0.73 -24.88 -41.88
N SER A 76 1.67 -24.38 -41.08
CA SER A 76 2.57 -25.19 -40.30
C SER A 76 1.84 -26.10 -39.32
N GLY A 77 0.64 -25.70 -38.93
CA GLY A 77 -0.13 -26.46 -37.97
C GLY A 77 -0.12 -25.76 -36.62
N LYS A 78 0.72 -24.73 -36.50
CA LYS A 78 0.79 -23.94 -35.27
C LYS A 78 -0.45 -23.02 -35.25
N MET A 79 -0.89 -22.66 -34.05
CA MET A 79 -2.06 -21.81 -33.88
C MET A 79 -1.92 -20.85 -32.69
N VAL A 80 -2.37 -19.61 -32.89
CA VAL A 80 -2.35 -18.61 -31.82
C VAL A 80 -3.81 -18.35 -31.36
N CYS A 81 -4.08 -18.41 -30.06
CA CYS A 81 -5.42 -18.15 -29.56
C CYS A 81 -5.38 -16.84 -28.75
N THR A 82 -6.24 -15.89 -29.10
CA THR A 82 -6.27 -14.59 -28.43
C THR A 82 -7.65 -14.24 -27.91
N GLY A 83 -7.70 -13.28 -26.97
CA GLY A 83 -8.94 -12.78 -26.41
C GLY A 83 -9.62 -13.42 -25.21
N ALA A 84 -9.17 -14.61 -24.78
CA ALA A 84 -9.81 -15.24 -23.64
C ALA A 84 -9.54 -14.43 -22.38
N LYS A 85 -10.40 -14.62 -21.40
CA LYS A 85 -10.29 -13.91 -20.13
C LYS A 85 -9.52 -14.65 -19.05
N SER A 86 -9.17 -15.92 -19.31
CA SER A 86 -8.42 -16.69 -18.33
C SER A 86 -7.62 -17.73 -19.07
N GLU A 87 -6.69 -18.34 -18.36
CA GLU A 87 -5.81 -19.36 -18.90
C GLU A 87 -6.62 -20.57 -19.30
N ASP A 88 -7.57 -20.95 -18.45
CA ASP A 88 -8.44 -22.10 -18.73
C ASP A 88 -9.32 -21.82 -19.95
N PHE A 89 -9.89 -20.62 -20.01
CA PHE A 89 -10.72 -20.23 -21.15
C PHE A 89 -9.90 -20.26 -22.45
N SER A 90 -8.66 -19.81 -22.40
CA SER A 90 -7.78 -19.81 -23.57
C SER A 90 -7.53 -21.25 -24.03
N LYS A 91 -7.31 -22.14 -23.07
CA LYS A 91 -7.07 -23.54 -23.38
C LYS A 91 -8.33 -24.20 -23.94
N MET A 92 -9.49 -23.90 -23.36
CA MET A 92 -10.78 -24.46 -23.83
C MET A 92 -11.06 -24.01 -25.27
N ALA A 93 -10.88 -22.72 -25.53
CA ALA A 93 -11.10 -22.17 -26.85
C ALA A 93 -10.17 -22.88 -27.85
N ALA A 94 -8.88 -22.98 -27.51
CA ALA A 94 -7.89 -23.64 -28.38
C ALA A 94 -8.25 -25.09 -28.71
N ARG A 95 -8.80 -25.81 -27.73
CA ARG A 95 -9.22 -27.20 -27.97
C ARG A 95 -10.37 -27.22 -28.97
N LYS A 96 -11.25 -26.22 -28.88
CA LYS A 96 -12.40 -26.10 -29.78
C LYS A 96 -11.94 -25.84 -31.23
N TYR A 97 -10.95 -24.97 -31.41
CA TYR A 97 -10.43 -24.70 -32.74
C TYR A 97 -9.78 -25.98 -33.30
N ALA A 98 -9.06 -26.71 -32.44
CA ALA A 98 -8.41 -27.96 -32.88
C ALA A 98 -9.48 -28.95 -33.37
N ARG A 99 -10.62 -29.00 -32.68
CA ARG A 99 -11.74 -29.88 -33.03
C ARG A 99 -12.38 -29.42 -34.36
N ILE A 100 -12.55 -28.11 -34.56
CA ILE A 100 -13.11 -27.59 -35.81
C ILE A 100 -12.20 -28.01 -36.99
N VAL A 101 -10.90 -27.81 -36.82
CA VAL A 101 -9.89 -28.19 -37.82
C VAL A 101 -9.94 -29.70 -38.06
N GLN A 102 -10.16 -30.45 -37.00
CA GLN A 102 -10.25 -31.91 -37.08
C GLN A 102 -11.47 -32.28 -37.90
N LYS A 103 -12.62 -31.69 -37.56
CA LYS A 103 -13.86 -31.97 -38.26
C LYS A 103 -13.77 -31.57 -39.73
N LEU A 104 -12.85 -30.68 -40.04
CA LEU A 104 -12.65 -30.24 -41.40
C LEU A 104 -11.87 -31.29 -42.17
N GLY A 105 -11.32 -32.26 -41.48
CA GLY A 105 -10.59 -33.31 -42.18
C GLY A 105 -9.11 -33.45 -41.91
N PHE A 106 -8.56 -32.62 -41.03
CA PHE A 106 -7.15 -32.69 -40.69
C PHE A 106 -6.96 -33.35 -39.35
N PRO A 107 -5.99 -34.29 -39.25
CA PRO A 107 -5.70 -35.02 -38.01
C PRO A 107 -4.96 -34.15 -37.00
N ALA A 108 -5.64 -33.11 -36.52
CA ALA A 108 -5.03 -32.20 -35.57
C ALA A 108 -4.91 -32.84 -34.21
N LYS A 109 -3.83 -32.48 -33.51
CA LYS A 109 -3.54 -32.96 -32.16
C LYS A 109 -3.60 -31.73 -31.27
N PHE A 110 -2.92 -31.77 -30.13
CA PHE A 110 -2.91 -30.62 -29.23
C PHE A 110 -1.58 -30.66 -28.52
N LYS A 111 -0.53 -30.30 -29.25
CA LYS A 111 0.82 -30.36 -28.70
C LYS A 111 1.41 -29.04 -28.22
N ASP A 112 2.17 -29.10 -27.13
CA ASP A 112 2.86 -27.95 -26.59
C ASP A 112 2.04 -26.70 -26.32
N PHE A 113 0.80 -26.87 -25.87
CA PHE A 113 -0.05 -25.74 -25.54
C PHE A 113 0.69 -24.86 -24.52
N LYS A 114 0.70 -23.55 -24.73
CA LYS A 114 1.43 -22.71 -23.79
C LYS A 114 0.87 -21.33 -23.69
N ILE A 115 0.76 -20.81 -22.48
CA ILE A 115 0.30 -19.43 -22.27
C ILE A 115 1.48 -18.54 -22.59
N GLN A 116 1.27 -17.63 -23.53
CA GLN A 116 2.34 -16.75 -23.99
C GLN A 116 2.27 -15.33 -23.43
N ASN A 117 1.07 -14.82 -23.17
CA ASN A 117 0.91 -13.46 -22.64
C ASN A 117 -0.40 -13.34 -21.90
N ILE A 118 -0.35 -12.59 -20.79
CA ILE A 118 -1.50 -12.36 -19.95
C ILE A 118 -1.59 -10.86 -19.73
N VAL A 119 -2.76 -10.29 -20.02
CA VAL A 119 -2.98 -8.86 -19.84
C VAL A 119 -4.00 -8.64 -18.73
N GLY A 120 -3.64 -7.83 -17.75
CA GLY A 120 -4.55 -7.57 -16.66
C GLY A 120 -4.70 -6.07 -16.49
N SER A 121 -5.71 -5.62 -15.78
CA SER A 121 -5.89 -4.20 -15.55
C SER A 121 -6.59 -3.98 -14.22
N CYS A 122 -6.38 -2.82 -13.64
CA CYS A 122 -7.04 -2.50 -12.40
C CYS A 122 -7.11 -1.00 -12.16
N ASP A 123 -7.72 -0.62 -11.05
CA ASP A 123 -7.94 0.78 -10.75
C ASP A 123 -7.63 1.01 -9.26
N VAL A 124 -6.66 1.87 -8.99
CA VAL A 124 -6.28 2.17 -7.61
C VAL A 124 -7.18 3.26 -7.01
N LYS A 125 -8.07 3.80 -7.84
CA LYS A 125 -9.03 4.81 -7.42
C LYS A 125 -8.54 6.15 -6.89
N PHE A 126 -7.37 6.56 -7.37
CA PHE A 126 -6.83 7.86 -7.03
C PHE A 126 -5.93 8.28 -8.20
N PRO A 127 -5.85 9.59 -8.47
CA PRO A 127 -5.02 10.11 -9.57
C PRO A 127 -3.51 9.99 -9.23
N ILE A 128 -2.69 9.92 -10.26
CA ILE A 128 -1.25 9.74 -10.17
C ILE A 128 -0.48 10.90 -10.81
N ARG A 129 0.64 11.27 -10.19
CA ARG A 129 1.51 12.32 -10.72
C ARG A 129 2.51 11.56 -11.57
N LEU A 130 2.17 11.39 -12.84
CA LEU A 130 3.01 10.65 -13.77
C LEU A 130 4.41 11.19 -13.93
N GLU A 131 4.54 12.51 -14.12
CA GLU A 131 5.86 13.10 -14.29
C GLU A 131 6.77 12.87 -13.07
N GLY A 132 6.22 13.04 -11.87
CA GLY A 132 7.01 12.82 -10.68
C GLY A 132 7.43 11.36 -10.56
N LEU A 133 6.50 10.45 -10.81
CA LEU A 133 6.82 9.02 -10.73
C LEU A 133 7.90 8.65 -11.75
N ALA A 134 7.79 9.17 -12.97
CA ALA A 134 8.77 8.88 -14.01
C ALA A 134 10.16 9.44 -13.69
N TYR A 135 10.21 10.66 -13.21
CA TYR A 135 11.46 11.33 -12.87
C TYR A 135 12.20 10.58 -11.77
N SER A 136 11.46 10.06 -10.81
CA SER A 136 12.03 9.30 -9.68
C SER A 136 12.33 7.82 -9.99
N HIS A 137 11.92 7.36 -11.17
CA HIS A 137 12.13 5.98 -11.63
C HIS A 137 12.54 6.03 -13.07
N ALA A 138 13.53 6.86 -13.36
CA ALA A 138 14.03 7.08 -14.70
C ALA A 138 14.48 5.83 -15.44
N ALA A 139 15.09 4.89 -14.73
CA ALA A 139 15.56 3.64 -15.32
C ALA A 139 14.45 2.68 -15.78
N PHE A 140 13.22 2.91 -15.30
CA PHE A 140 12.09 2.04 -15.64
C PHE A 140 10.99 2.72 -16.45
N SER A 141 10.87 4.02 -16.29
CA SER A 141 9.81 4.79 -16.93
C SER A 141 10.09 5.48 -18.24
N SER A 142 9.05 5.51 -19.06
CA SER A 142 9.06 6.21 -20.34
C SER A 142 7.74 6.97 -20.29
N TYR A 143 7.82 8.29 -20.24
CA TYR A 143 6.63 9.12 -20.20
C TYR A 143 6.75 10.25 -21.21
N GLU A 144 6.06 10.11 -22.33
CA GLU A 144 6.07 11.11 -23.39
C GLU A 144 4.59 11.30 -23.71
N PRO A 145 3.90 12.11 -22.88
CA PRO A 145 2.47 12.38 -23.05
C PRO A 145 1.98 12.84 -24.42
N GLU A 146 2.88 13.44 -25.21
CA GLU A 146 2.52 13.90 -26.54
C GLU A 146 2.39 12.73 -27.51
N LEU A 147 3.05 11.63 -27.18
CA LEU A 147 2.98 10.44 -28.02
C LEU A 147 1.91 9.47 -27.50
N PHE A 148 1.87 9.28 -26.18
CA PHE A 148 0.91 8.37 -25.56
C PHE A 148 0.63 8.91 -24.15
N PRO A 149 -0.66 8.96 -23.74
CA PRO A 149 -1.04 9.48 -22.41
C PRO A 149 -0.53 8.67 -21.22
N GLY A 150 -0.21 7.40 -21.41
CA GLY A 150 0.23 6.59 -20.30
C GLY A 150 1.73 6.49 -20.09
N LEU A 151 2.12 6.36 -18.83
CA LEU A 151 3.53 6.19 -18.49
C LEU A 151 3.82 4.70 -18.66
N ILE A 152 4.92 4.39 -19.36
CA ILE A 152 5.33 3.00 -19.59
C ILE A 152 6.37 2.63 -18.54
N TYR A 153 5.99 1.77 -17.60
CA TYR A 153 6.88 1.32 -16.54
C TYR A 153 7.39 -0.08 -16.85
N ARG A 154 8.68 -0.19 -17.16
CA ARG A 154 9.26 -1.48 -17.48
C ARG A 154 9.95 -2.06 -16.26
N MET A 155 9.19 -2.86 -15.52
CA MET A 155 9.65 -3.50 -14.29
C MET A 155 10.62 -4.64 -14.62
N LYS A 156 11.67 -4.78 -13.82
CA LYS A 156 12.67 -5.82 -14.05
C LYS A 156 12.38 -7.10 -13.30
N VAL A 157 11.85 -6.98 -12.09
CA VAL A 157 11.50 -8.17 -11.31
C VAL A 157 10.10 -7.97 -10.75
N PRO A 158 9.11 -8.68 -11.30
CA PRO A 158 9.24 -9.61 -12.42
C PRO A 158 9.34 -8.77 -13.70
N LYS A 159 9.76 -9.38 -14.82
CA LYS A 159 9.91 -8.63 -16.06
C LYS A 159 8.53 -8.45 -16.67
N ILE A 160 7.89 -7.35 -16.29
CA ILE A 160 6.52 -7.03 -16.66
C ILE A 160 6.44 -5.54 -17.01
N VAL A 161 5.55 -5.21 -17.96
CA VAL A 161 5.35 -3.81 -18.34
C VAL A 161 3.99 -3.30 -17.85
N LEU A 162 3.99 -2.15 -17.21
CA LEU A 162 2.77 -1.55 -16.69
C LEU A 162 2.54 -0.21 -17.35
N LEU A 163 1.30 0.06 -17.76
CA LEU A 163 0.93 1.34 -18.37
C LEU A 163 0.16 2.03 -17.25
N ILE A 164 0.70 3.15 -16.78
CA ILE A 164 0.16 3.92 -15.66
C ILE A 164 -0.45 5.24 -16.14
N PHE A 165 -1.72 5.44 -15.84
CA PHE A 165 -2.44 6.62 -16.28
C PHE A 165 -2.78 7.56 -15.16
N VAL A 166 -2.99 8.85 -15.50
CA VAL A 166 -3.32 9.88 -14.51
C VAL A 166 -4.57 9.51 -13.68
N SER A 167 -5.51 8.84 -14.31
CA SER A 167 -6.74 8.41 -13.65
C SER A 167 -6.59 7.38 -12.51
N GLY A 168 -5.45 6.70 -12.42
CA GLY A 168 -5.29 5.67 -11.41
C GLY A 168 -5.55 4.30 -12.05
N LYS A 169 -5.92 4.31 -13.32
CA LYS A 169 -6.17 3.09 -14.10
C LYS A 169 -4.80 2.52 -14.50
N ILE A 170 -4.65 1.20 -14.40
CA ILE A 170 -3.37 0.53 -14.68
C ILE A 170 -3.53 -0.70 -15.59
N VAL A 171 -2.63 -0.85 -16.56
CA VAL A 171 -2.62 -2.03 -17.43
C VAL A 171 -1.30 -2.75 -17.13
N ILE A 172 -1.36 -4.06 -16.92
CA ILE A 172 -0.19 -4.87 -16.62
C ILE A 172 -0.08 -5.94 -17.72
N THR A 173 1.03 -5.95 -18.45
CA THR A 173 1.15 -6.92 -19.53
C THR A 173 2.53 -7.54 -19.66
N GLY A 174 2.59 -8.69 -20.34
CA GLY A 174 3.83 -9.40 -20.53
C GLY A 174 4.04 -10.65 -19.67
N ALA A 175 3.09 -10.95 -18.77
CA ALA A 175 3.22 -12.11 -17.90
C ALA A 175 2.83 -13.44 -18.55
N LYS A 176 3.53 -14.51 -18.21
CA LYS A 176 3.17 -15.82 -18.72
C LYS A 176 2.50 -16.64 -17.60
N MET A 177 2.46 -16.10 -16.38
CA MET A 177 1.82 -16.72 -15.24
C MET A 177 1.09 -15.58 -14.54
N ARG A 178 -0.14 -15.79 -14.09
CA ARG A 178 -0.88 -14.71 -13.42
C ARG A 178 -0.22 -14.15 -12.16
N ASP A 179 0.67 -14.93 -11.54
CA ASP A 179 1.35 -14.45 -10.35
C ASP A 179 2.30 -13.29 -10.65
N GLU A 180 2.86 -13.26 -11.87
CA GLU A 180 3.75 -12.18 -12.26
C GLU A 180 2.93 -10.89 -12.37
N THR A 181 1.71 -10.99 -12.89
CA THR A 181 0.81 -9.85 -13.03
C THR A 181 0.50 -9.28 -11.65
N TYR A 182 0.21 -10.17 -10.70
CA TYR A 182 -0.13 -9.76 -9.35
C TYR A 182 1.06 -9.17 -8.61
N LYS A 183 2.22 -9.82 -8.74
CA LYS A 183 3.44 -9.38 -8.11
C LYS A 183 3.84 -7.99 -8.62
N ALA A 184 3.73 -7.78 -9.93
CA ALA A 184 4.08 -6.49 -10.54
C ALA A 184 3.17 -5.39 -10.00
N PHE A 185 1.88 -5.70 -9.86
CA PHE A 185 0.95 -4.73 -9.32
C PHE A 185 1.33 -4.40 -7.89
N GLU A 186 1.54 -5.44 -7.08
CA GLU A 186 1.90 -5.26 -5.66
C GLU A 186 3.18 -4.46 -5.54
N ASN A 187 4.13 -4.72 -6.43
CA ASN A 187 5.38 -3.99 -6.41
C ASN A 187 5.15 -2.51 -6.69
N ILE A 188 4.26 -2.19 -7.61
CA ILE A 188 4.02 -0.81 -7.99
C ILE A 188 3.09 -0.03 -7.09
N TYR A 189 2.20 -0.73 -6.40
CA TYR A 189 1.20 -0.07 -5.54
C TYR A 189 1.76 1.01 -4.59
N PRO A 190 2.82 0.70 -3.83
CA PRO A 190 3.39 1.69 -2.91
C PRO A 190 3.94 2.91 -3.67
N VAL A 191 4.44 2.67 -4.88
CA VAL A 191 4.99 3.73 -5.70
C VAL A 191 3.87 4.64 -6.18
N LEU A 192 2.76 4.05 -6.60
CA LEU A 192 1.62 4.83 -7.05
C LEU A 192 1.16 5.71 -5.89
N SER A 193 1.13 5.16 -4.69
CA SER A 193 0.69 5.92 -3.50
C SER A 193 1.60 7.09 -3.23
N GLU A 194 2.89 6.86 -3.41
CA GLU A 194 3.86 7.90 -3.17
C GLU A 194 3.64 9.05 -4.13
N PHE A 195 3.07 8.76 -5.28
CA PHE A 195 2.83 9.80 -6.28
C PHE A 195 1.37 10.10 -6.55
N ARG A 196 0.53 9.88 -5.55
CA ARG A 196 -0.89 10.18 -5.66
C ARG A 196 -0.97 11.68 -5.84
N LYS A 197 -1.79 12.09 -6.79
CA LYS A 197 -1.97 13.49 -7.13
C LYS A 197 -2.93 14.12 -6.13
N ILE A 198 -2.44 15.12 -5.40
CA ILE A 198 -3.23 15.83 -4.42
C ILE A 198 -3.62 17.20 -4.97
N VAL B 12 3.04 -5.73 5.48
CA VAL B 12 2.21 -4.50 5.69
C VAL B 12 0.97 -4.63 4.84
N ASP B 13 -0.18 -4.23 5.36
CA ASP B 13 -1.35 -4.29 4.53
C ASP B 13 -1.51 -2.89 3.89
N LEU B 14 -1.29 -2.86 2.58
CA LEU B 14 -1.37 -1.64 1.79
C LEU B 14 -2.78 -1.07 1.83
N SER B 15 -3.74 -1.89 2.24
CA SER B 15 -5.13 -1.48 2.37
C SER B 15 -5.23 -0.35 3.38
N LYS B 16 -4.51 -0.51 4.49
CA LYS B 16 -4.51 0.47 5.57
C LYS B 16 -3.32 1.42 5.45
N HIS B 17 -2.25 0.94 4.85
CA HIS B 17 -1.03 1.73 4.70
C HIS B 17 -0.59 1.70 3.24
N PRO B 18 -1.27 2.47 2.37
CA PRO B 18 -1.00 2.59 0.92
C PRO B 18 0.49 2.82 0.62
N SER B 19 1.13 3.67 1.41
CA SER B 19 2.53 3.98 1.28
C SER B 19 3.41 2.77 1.48
N GLY B 20 2.92 1.81 2.25
CA GLY B 20 3.70 0.63 2.55
C GLY B 20 4.56 0.89 3.78
N ILE B 21 4.38 2.07 4.39
CA ILE B 21 5.14 2.46 5.58
C ILE B 21 4.20 2.61 6.79
N VAL B 22 4.54 1.95 7.90
CA VAL B 22 3.73 2.04 9.11
C VAL B 22 4.50 2.71 10.23
N PRO B 23 4.06 3.89 10.66
CA PRO B 23 4.71 4.65 11.74
C PRO B 23 4.79 3.82 13.02
N THR B 24 5.93 3.87 13.68
CA THR B 24 6.19 3.17 14.93
C THR B 24 5.71 4.01 16.11
N LEU B 25 4.90 3.43 16.98
CA LEU B 25 4.42 4.16 18.16
C LEU B 25 5.57 4.20 19.16
N GLN B 26 5.87 5.40 19.63
CA GLN B 26 7.01 5.62 20.54
C GLN B 26 6.68 6.01 21.97
N ASN B 27 5.51 6.60 22.17
CA ASN B 27 5.14 7.08 23.48
C ASN B 27 3.64 7.16 23.52
N ILE B 28 3.08 6.82 24.66
CA ILE B 28 1.64 6.89 24.85
C ILE B 28 1.41 7.67 26.16
N VAL B 29 0.43 8.56 26.17
CA VAL B 29 0.08 9.29 27.38
C VAL B 29 -1.37 8.93 27.69
N SER B 30 -1.65 8.48 28.90
CA SER B 30 -3.00 8.11 29.27
C SER B 30 -3.35 8.65 30.66
N THR B 31 -4.64 8.63 30.97
CA THR B 31 -5.14 9.07 32.26
C THR B 31 -6.14 8.06 32.79
N VAL B 32 -6.31 8.05 34.11
CA VAL B 32 -7.28 7.18 34.74
C VAL B 32 -7.63 7.85 36.04
N ASN B 33 -8.86 7.62 36.49
CA ASN B 33 -9.35 8.18 37.74
C ASN B 33 -9.40 7.05 38.76
N LEU B 34 -8.53 7.12 39.77
CA LEU B 34 -8.49 6.09 40.80
C LEU B 34 -9.72 6.13 41.70
N ASP B 35 -10.51 7.19 41.58
CA ASP B 35 -11.76 7.30 42.31
C ASP B 35 -11.66 7.43 43.84
N CYS B 36 -10.67 8.14 44.33
CA CYS B 36 -10.52 8.33 45.78
C CYS B 36 -9.44 9.34 46.12
N LYS B 37 -9.59 10.04 47.23
CA LYS B 37 -8.60 11.01 47.66
C LYS B 37 -7.29 10.29 48.00
N LEU B 38 -6.17 10.91 47.67
CA LEU B 38 -4.87 10.30 47.92
C LEU B 38 -3.96 11.16 48.80
N ASP B 39 -3.31 10.52 49.76
CA ASP B 39 -2.37 11.21 50.65
C ASP B 39 -1.01 11.09 49.98
N LEU B 40 -0.56 12.18 49.36
CA LEU B 40 0.71 12.16 48.66
C LEU B 40 1.94 11.99 49.52
N LYS B 41 2.03 12.73 50.62
CA LYS B 41 3.17 12.62 51.53
C LYS B 41 3.31 11.15 51.97
N ALA B 42 2.18 10.55 52.35
CA ALA B 42 2.16 9.15 52.79
C ALA B 42 2.58 8.17 51.69
N ILE B 43 2.10 8.39 50.47
CA ILE B 43 2.46 7.51 49.37
C ILE B 43 3.98 7.60 49.11
N ALA B 44 4.50 8.82 49.02
CA ALA B 44 5.91 9.05 48.76
C ALA B 44 6.80 8.41 49.84
N LEU B 45 6.27 8.28 51.05
CA LEU B 45 7.04 7.69 52.12
C LEU B 45 7.00 6.17 52.09
N GLN B 46 5.81 5.62 51.88
CA GLN B 46 5.66 4.16 51.85
C GLN B 46 6.16 3.52 50.58
N ALA B 47 6.31 4.34 49.55
CA ALA B 47 6.81 3.88 48.26
C ALA B 47 7.91 4.85 47.82
N ARG B 48 9.02 4.84 48.54
CA ARG B 48 10.18 5.72 48.24
C ARG B 48 10.66 5.50 46.82
N ASN B 49 10.09 4.48 46.18
CA ASN B 49 10.36 4.17 44.78
C ASN B 49 9.75 5.33 43.95
N ALA B 50 9.05 6.23 44.65
CA ALA B 50 8.37 7.39 44.11
C ALA B 50 8.95 8.70 44.64
N GLU B 51 8.83 9.77 43.84
CA GLU B 51 9.35 11.09 44.17
C GLU B 51 8.23 12.08 44.44
N TYR B 52 8.44 13.01 45.37
CA TYR B 52 7.42 14.00 45.67
C TYR B 52 7.91 15.36 46.18
N ASN B 53 7.95 16.36 45.29
CA ASN B 53 8.33 17.72 45.65
C ASN B 53 7.22 18.65 45.14
N PRO B 54 6.25 18.93 46.01
CA PRO B 54 5.08 19.78 45.75
C PRO B 54 5.44 21.17 45.23
N LYS B 55 6.57 21.72 45.67
CA LYS B 55 6.99 23.04 45.20
C LYS B 55 7.34 22.97 43.73
N ARG B 56 7.73 21.77 43.29
CA ARG B 56 8.11 21.56 41.91
C ARG B 56 6.87 21.21 41.06
N PHE B 57 6.07 20.28 41.57
CA PHE B 57 4.87 19.82 40.88
C PHE B 57 3.97 19.12 41.88
N ALA B 58 2.66 19.33 41.77
CA ALA B 58 1.71 18.73 42.70
C ALA B 58 1.43 17.23 42.47
N ALA B 59 2.46 16.41 42.31
CA ALA B 59 2.23 15.00 42.08
C ALA B 59 3.37 14.12 42.53
N VAL B 60 3.02 12.87 42.87
CA VAL B 60 3.99 11.86 43.24
C VAL B 60 4.39 11.23 41.89
N ILE B 61 5.68 11.27 41.58
CA ILE B 61 6.21 10.73 40.35
C ILE B 61 6.73 9.33 40.67
N MET B 62 6.11 8.32 40.05
CA MET B 62 6.46 6.91 40.28
C MET B 62 6.81 6.22 38.95
N ARG B 63 7.66 5.20 39.00
CA ARG B 63 8.04 4.50 37.79
C ARG B 63 8.07 2.99 38.00
N ILE B 64 7.73 2.22 36.96
CA ILE B 64 7.79 0.77 37.00
C ILE B 64 8.63 0.34 35.79
N ARG B 65 9.28 -0.81 35.87
CA ARG B 65 10.14 -1.31 34.82
C ARG B 65 9.39 -1.93 33.66
N GLU B 66 8.27 -2.59 33.95
CA GLU B 66 7.51 -3.27 32.93
C GLU B 66 6.01 -3.12 33.05
N PRO B 67 5.37 -2.44 32.07
CA PRO B 67 5.96 -1.81 30.88
C PRO B 67 6.71 -0.59 31.40
N LYS B 68 7.87 -0.28 30.82
CA LYS B 68 8.63 0.87 31.29
C LYS B 68 7.80 2.13 31.13
N THR B 69 7.43 2.76 32.25
CA THR B 69 6.61 3.97 32.27
C THR B 69 6.84 4.81 33.53
N THR B 70 6.24 6.01 33.53
CA THR B 70 6.29 6.97 34.64
C THR B 70 4.84 7.41 34.87
N ALA B 71 4.39 7.40 36.13
CA ALA B 71 3.03 7.85 36.47
C ALA B 71 3.11 9.10 37.29
N LEU B 72 2.14 9.97 37.11
CA LEU B 72 2.04 11.19 37.89
C LEU B 72 0.73 10.96 38.66
N ILE B 73 0.84 10.87 39.98
CA ILE B 73 -0.29 10.60 40.86
C ILE B 73 -0.64 11.85 41.66
N PHE B 74 -1.90 12.24 41.58
CA PHE B 74 -2.34 13.45 42.25
C PHE B 74 -3.24 13.16 43.46
N ALA B 75 -3.29 14.12 44.38
CA ALA B 75 -4.09 14.00 45.58
C ALA B 75 -5.58 13.73 45.27
N SER B 76 -6.05 14.24 44.13
CA SER B 76 -7.43 14.06 43.70
C SER B 76 -7.75 12.63 43.28
N GLY B 77 -6.71 11.81 43.14
CA GLY B 77 -6.92 10.44 42.74
C GLY B 77 -6.76 10.19 41.25
N LYS B 78 -6.67 11.26 40.47
CA LYS B 78 -6.49 11.11 39.04
C LYS B 78 -5.00 10.83 38.82
N MET B 79 -4.67 10.09 37.76
CA MET B 79 -3.29 9.73 37.49
C MET B 79 -2.96 9.80 35.98
N VAL B 80 -1.75 10.25 35.68
CA VAL B 80 -1.27 10.34 34.30
C VAL B 80 -0.20 9.27 34.09
N CYS B 81 -0.29 8.49 33.00
CA CYS B 81 0.69 7.46 32.72
C CYS B 81 1.40 7.80 31.41
N THR B 82 2.73 7.82 31.43
CA THR B 82 3.49 8.17 30.24
C THR B 82 4.57 7.15 29.91
N GLY B 83 5.04 7.17 28.66
CA GLY B 83 6.12 6.29 28.27
C GLY B 83 5.87 4.98 27.56
N ALA B 84 4.71 4.37 27.72
CA ALA B 84 4.44 3.09 27.08
C ALA B 84 4.60 3.15 25.56
N LYS B 85 4.82 1.99 24.95
CA LYS B 85 5.00 1.89 23.49
C LYS B 85 3.71 1.61 22.76
N SER B 86 2.64 1.31 23.50
CA SER B 86 1.35 1.04 22.89
C SER B 86 0.24 1.33 23.87
N GLU B 87 -0.98 1.37 23.34
CA GLU B 87 -2.16 1.67 24.14
C GLU B 87 -2.36 0.55 25.15
N ASP B 88 -2.13 -0.68 24.71
CA ASP B 88 -2.28 -1.83 25.60
C ASP B 88 -1.28 -1.76 26.76
N PHE B 89 -0.03 -1.46 26.42
CA PHE B 89 1.01 -1.33 27.42
C PHE B 89 0.72 -0.20 28.39
N SER B 90 0.15 0.89 27.88
CA SER B 90 -0.16 2.06 28.71
C SER B 90 -1.24 1.70 29.74
N LYS B 91 -2.26 0.96 29.34
CA LYS B 91 -3.34 0.59 30.26
C LYS B 91 -2.85 -0.42 31.27
N MET B 92 -2.01 -1.34 30.81
CA MET B 92 -1.44 -2.36 31.68
C MET B 92 -0.62 -1.67 32.77
N ALA B 93 0.25 -0.75 32.35
CA ALA B 93 1.08 -0.01 33.29
C ALA B 93 0.19 0.74 34.28
N ALA B 94 -0.84 1.42 33.78
CA ALA B 94 -1.77 2.15 34.62
C ALA B 94 -2.40 1.23 35.67
N ARG B 95 -2.79 0.01 35.28
CA ARG B 95 -3.39 -0.94 36.22
C ARG B 95 -2.39 -1.31 37.32
N LYS B 96 -1.12 -1.44 36.96
CA LYS B 96 -0.06 -1.76 37.92
C LYS B 96 0.09 -0.64 38.93
N TYR B 97 0.03 0.61 38.48
CA TYR B 97 0.15 1.75 39.39
C TYR B 97 -1.04 1.76 40.35
N ALA B 98 -2.24 1.50 39.81
CA ALA B 98 -3.45 1.50 40.62
C ALA B 98 -3.37 0.43 41.71
N ARG B 99 -2.75 -0.71 41.38
CA ARG B 99 -2.56 -1.81 42.30
C ARG B 99 -1.55 -1.41 43.38
N ILE B 100 -0.45 -0.77 42.96
CA ILE B 100 0.56 -0.30 43.90
C ILE B 100 -0.10 0.61 44.95
N VAL B 101 -0.79 1.65 44.47
CA VAL B 101 -1.51 2.61 45.32
C VAL B 101 -2.49 1.86 46.23
N GLN B 102 -3.15 0.86 45.64
CA GLN B 102 -4.09 0.01 46.32
C GLN B 102 -3.39 -0.66 47.51
N LYS B 103 -2.28 -1.35 47.23
CA LYS B 103 -1.50 -2.02 48.27
C LYS B 103 -0.99 -1.01 49.30
N LEU B 104 -1.07 0.28 48.98
CA LEU B 104 -0.63 1.33 49.89
C LEU B 104 -1.69 1.71 50.94
N GLY B 105 -2.88 1.13 50.83
CA GLY B 105 -3.91 1.43 51.79
C GLY B 105 -5.06 2.27 51.30
N PHE B 106 -5.05 2.65 50.02
CA PHE B 106 -6.11 3.48 49.49
C PHE B 106 -7.02 2.65 48.62
N PRO B 107 -8.34 2.83 48.76
CA PRO B 107 -9.34 2.10 47.97
C PRO B 107 -9.32 2.54 46.50
N ALA B 108 -8.21 2.27 45.83
CA ALA B 108 -8.06 2.65 44.44
C ALA B 108 -8.89 1.82 43.49
N LYS B 109 -9.60 2.50 42.59
CA LYS B 109 -10.41 1.87 41.56
C LYS B 109 -9.75 2.19 40.20
N PHE B 110 -10.42 1.93 39.08
CA PHE B 110 -9.84 2.21 37.76
C PHE B 110 -10.91 2.78 36.87
N LYS B 111 -11.19 4.06 37.04
CA LYS B 111 -12.26 4.71 36.32
C LYS B 111 -11.87 5.61 35.16
N ASP B 112 -12.69 5.57 34.11
CA ASP B 112 -12.50 6.40 32.93
C ASP B 112 -11.09 6.41 32.32
N PHE B 113 -10.50 5.24 32.16
CA PHE B 113 -9.19 5.17 31.57
C PHE B 113 -9.32 5.74 30.14
N LYS B 114 -8.37 6.59 29.74
CA LYS B 114 -8.44 7.17 28.42
C LYS B 114 -7.07 7.43 27.82
N ILE B 115 -6.87 7.06 26.56
CA ILE B 115 -5.60 7.34 25.88
C ILE B 115 -5.71 8.80 25.48
N GLN B 116 -4.75 9.61 25.92
CA GLN B 116 -4.79 11.04 25.66
C GLN B 116 -3.90 11.55 24.54
N ASN B 117 -2.82 10.82 24.24
CA ASN B 117 -1.91 11.23 23.19
C ASN B 117 -1.06 10.06 22.76
N ILE B 118 -0.86 9.97 21.45
CA ILE B 118 -0.05 8.92 20.86
C ILE B 118 1.03 9.60 20.05
N VAL B 119 2.27 9.19 20.27
CA VAL B 119 3.39 9.75 19.55
C VAL B 119 4.01 8.63 18.70
N GLY B 120 4.22 8.89 17.41
CA GLY B 120 4.81 7.90 16.54
C GLY B 120 5.87 8.54 15.66
N SER B 121 6.62 7.72 14.94
CA SER B 121 7.64 8.24 14.04
C SER B 121 7.87 7.28 12.89
N CYS B 122 8.44 7.79 11.82
CA CYS B 122 8.75 6.94 10.68
C CYS B 122 9.73 7.67 9.75
N ASP B 123 10.12 6.98 8.70
CA ASP B 123 11.13 7.44 7.78
C ASP B 123 10.61 7.25 6.36
N VAL B 124 10.50 8.32 5.59
CA VAL B 124 10.04 8.20 4.20
C VAL B 124 11.17 7.75 3.29
N LYS B 125 12.40 7.75 3.81
CA LYS B 125 13.58 7.30 3.08
C LYS B 125 14.13 8.14 1.93
N PHE B 126 13.92 9.44 2.01
CA PHE B 126 14.47 10.35 1.02
C PHE B 126 14.54 11.69 1.72
N PRO B 127 15.57 12.48 1.39
CA PRO B 127 15.73 13.80 2.00
C PRO B 127 14.61 14.74 1.54
N ILE B 128 14.32 15.75 2.34
CA ILE B 128 13.23 16.67 2.04
C ILE B 128 13.62 18.14 2.05
N ARG B 129 13.08 18.86 1.07
CA ARG B 129 13.28 20.29 0.90
C ARG B 129 12.19 20.99 1.72
N LEU B 130 12.48 21.18 2.99
CA LEU B 130 11.55 21.80 3.94
C LEU B 130 11.12 23.20 3.58
N GLU B 131 12.05 24.03 3.10
CA GLU B 131 11.72 25.41 2.73
C GLU B 131 10.65 25.43 1.64
N GLY B 132 10.72 24.47 0.71
CA GLY B 132 9.75 24.40 -0.36
C GLY B 132 8.39 23.93 0.14
N LEU B 133 8.41 22.99 1.09
CA LEU B 133 7.19 22.47 1.66
C LEU B 133 6.52 23.60 2.41
N ALA B 134 7.32 24.34 3.18
CA ALA B 134 6.82 25.46 3.97
C ALA B 134 6.18 26.56 3.11
N TYR B 135 6.85 26.89 2.01
CA TYR B 135 6.37 27.92 1.12
C TYR B 135 5.04 27.53 0.48
N SER B 136 4.95 26.29 0.01
CA SER B 136 3.72 25.84 -0.62
C SER B 136 2.59 25.51 0.35
N HIS B 137 2.91 25.40 1.64
CA HIS B 137 1.91 25.11 2.66
C HIS B 137 2.04 26.02 3.85
N ALA B 138 2.08 27.33 3.60
CA ALA B 138 2.23 28.32 4.68
C ALA B 138 1.12 28.22 5.71
N ALA B 139 -0.08 27.85 5.27
CA ALA B 139 -1.24 27.70 6.15
C ALA B 139 -1.06 26.65 7.24
N PHE B 140 -0.20 25.66 6.99
CA PHE B 140 -0.01 24.61 7.99
C PHE B 140 1.43 24.49 8.45
N SER B 141 2.35 25.16 7.77
CA SER B 141 3.77 25.04 8.09
C SER B 141 4.33 26.10 9.00
N SER B 142 5.38 25.72 9.70
CA SER B 142 6.09 26.62 10.57
C SER B 142 7.50 26.09 10.51
N TYR B 143 8.35 26.81 9.77
CA TYR B 143 9.73 26.39 9.61
C TYR B 143 10.68 27.56 9.84
N GLU B 144 11.36 27.51 10.99
CA GLU B 144 12.33 28.53 11.37
C GLU B 144 13.55 27.71 11.77
N PRO B 145 14.36 27.31 10.79
CA PRO B 145 15.55 26.50 11.08
C PRO B 145 16.48 26.96 12.19
N GLU B 146 16.60 28.27 12.40
CA GLU B 146 17.49 28.78 13.44
C GLU B 146 17.00 28.47 14.84
N LEU B 147 15.71 28.20 14.98
CA LEU B 147 15.12 27.88 16.27
C LEU B 147 15.08 26.36 16.48
N PHE B 148 14.62 25.61 15.47
CA PHE B 148 14.50 24.15 15.55
C PHE B 148 14.65 23.63 14.12
N PRO B 149 15.51 22.61 13.92
CA PRO B 149 15.71 22.08 12.57
C PRO B 149 14.54 21.41 11.84
N GLY B 150 13.44 21.15 12.54
CA GLY B 150 12.31 20.51 11.90
C GLY B 150 11.17 21.44 11.53
N LEU B 151 10.47 21.12 10.45
CA LEU B 151 9.32 21.89 10.00
C LEU B 151 8.09 21.35 10.74
N ILE B 152 7.34 22.25 11.38
CA ILE B 152 6.14 21.89 12.13
C ILE B 152 4.97 21.99 11.17
N TYR B 153 4.32 20.87 10.90
CA TYR B 153 3.17 20.83 10.01
C TYR B 153 1.95 20.55 10.86
N ARG B 154 1.04 21.52 10.94
CA ARG B 154 -0.17 21.34 11.72
C ARG B 154 -1.32 20.97 10.80
N MET B 155 -1.51 19.67 10.62
CA MET B 155 -2.58 19.15 9.77
C MET B 155 -3.96 19.38 10.42
N LYS B 156 -4.96 19.70 9.60
CA LYS B 156 -6.32 19.95 10.07
C LYS B 156 -7.17 18.68 10.21
N VAL B 157 -7.07 17.81 9.21
CA VAL B 157 -7.85 16.57 9.19
C VAL B 157 -6.96 15.37 8.84
N PRO B 158 -6.59 14.55 9.83
CA PRO B 158 -6.91 14.60 11.25
C PRO B 158 -6.16 15.80 11.83
N LYS B 159 -6.56 16.25 13.00
CA LYS B 159 -5.90 17.38 13.65
C LYS B 159 -4.66 16.79 14.32
N ILE B 160 -3.56 16.79 13.58
CA ILE B 160 -2.32 16.19 14.05
C ILE B 160 -1.16 17.06 13.67
N VAL B 161 -0.12 17.01 14.48
CA VAL B 161 1.08 17.77 14.23
C VAL B 161 2.23 16.83 13.86
N LEU B 162 2.86 17.14 12.73
CA LEU B 162 4.00 16.39 12.24
C LEU B 162 5.25 17.26 12.28
N LEU B 163 6.36 16.68 12.75
CA LEU B 163 7.64 17.37 12.79
C LEU B 163 8.38 16.71 11.64
N ILE B 164 8.65 17.49 10.60
CA ILE B 164 9.30 16.98 9.41
C ILE B 164 10.75 17.45 9.30
N PHE B 165 11.64 16.48 9.09
CA PHE B 165 13.06 16.77 8.99
C PHE B 165 13.67 16.53 7.61
N VAL B 166 14.77 17.22 7.33
CA VAL B 166 15.49 17.11 6.05
C VAL B 166 15.87 15.66 5.79
N SER B 167 16.19 14.92 6.84
CA SER B 167 16.57 13.52 6.74
C SER B 167 15.50 12.62 6.14
N GLY B 168 14.24 13.03 6.29
CA GLY B 168 13.15 12.21 5.80
C GLY B 168 12.48 11.52 6.97
N LYS B 169 13.00 11.80 8.18
CA LYS B 169 12.45 11.27 9.42
C LYS B 169 11.30 12.19 9.83
N ILE B 170 10.23 11.60 10.34
CA ILE B 170 9.01 12.32 10.71
C ILE B 170 8.54 11.91 12.08
N VAL B 171 8.05 12.87 12.85
CA VAL B 171 7.47 12.61 14.15
C VAL B 171 5.99 13.02 14.03
N ILE B 172 5.08 12.15 14.43
CA ILE B 172 3.65 12.39 14.35
C ILE B 172 3.07 12.37 15.77
N THR B 173 2.50 13.49 16.20
CA THR B 173 1.98 13.55 17.57
C THR B 173 0.59 14.22 17.68
N GLY B 174 -0.10 13.98 18.79
CA GLY B 174 -1.41 14.57 19.00
C GLY B 174 -2.61 13.65 18.83
N ALA B 175 -2.41 12.44 18.32
CA ALA B 175 -3.53 11.53 18.11
C ALA B 175 -4.03 10.87 19.37
N LYS B 176 -5.33 10.60 19.43
CA LYS B 176 -5.92 9.88 20.56
C LYS B 176 -6.28 8.46 20.12
N MET B 177 -6.18 8.23 18.81
CA MET B 177 -6.44 6.92 18.21
C MET B 177 -5.31 6.71 17.21
N ARG B 178 -4.72 5.52 17.19
CA ARG B 178 -3.61 5.24 16.30
C ARG B 178 -3.94 5.45 14.83
N ASP B 179 -5.19 5.25 14.46
CA ASP B 179 -5.55 5.45 13.07
C ASP B 179 -5.37 6.89 12.62
N GLU B 180 -5.43 7.84 13.57
CA GLU B 180 -5.21 9.23 13.22
C GLU B 180 -3.73 9.39 12.88
N THR B 181 -2.86 8.74 13.65
CA THR B 181 -1.41 8.78 13.41
C THR B 181 -1.13 8.28 11.99
N TYR B 182 -1.73 7.14 11.65
CA TYR B 182 -1.57 6.53 10.34
C TYR B 182 -2.16 7.40 9.25
N LYS B 183 -3.34 7.95 9.50
CA LYS B 183 -4.00 8.79 8.51
C LYS B 183 -3.15 10.00 8.19
N ALA B 184 -2.65 10.65 9.23
CA ALA B 184 -1.82 11.83 9.07
C ALA B 184 -0.59 11.53 8.24
N PHE B 185 0.04 10.38 8.49
CA PHE B 185 1.21 10.03 7.71
C PHE B 185 0.84 9.80 6.24
N GLU B 186 -0.21 9.02 6.00
CA GLU B 186 -0.66 8.74 4.65
C GLU B 186 -1.06 10.02 3.90
N ASN B 187 -1.61 11.00 4.62
CA ASN B 187 -2.00 12.28 4.04
C ASN B 187 -0.75 13.06 3.61
N ILE B 188 0.24 13.11 4.49
CA ILE B 188 1.47 13.84 4.22
C ILE B 188 2.45 13.20 3.22
N TYR B 189 2.47 11.87 3.14
CA TYR B 189 3.39 11.14 2.29
C TYR B 189 3.45 11.60 0.82
N PRO B 190 2.29 11.64 0.12
CA PRO B 190 2.36 12.09 -1.27
C PRO B 190 2.67 13.60 -1.41
N VAL B 191 2.64 14.35 -0.31
CA VAL B 191 2.97 15.77 -0.34
C VAL B 191 4.48 15.86 -0.24
N LEU B 192 5.05 15.02 0.63
CA LEU B 192 6.49 14.99 0.84
C LEU B 192 7.27 14.57 -0.42
N SER B 193 6.76 13.61 -1.18
CA SER B 193 7.44 13.15 -2.40
C SER B 193 7.58 14.29 -3.40
N GLU B 194 6.69 15.27 -3.31
CA GLU B 194 6.71 16.43 -4.17
C GLU B 194 7.85 17.40 -3.83
N PHE B 195 8.43 17.26 -2.64
CA PHE B 195 9.51 18.14 -2.20
C PHE B 195 10.78 17.40 -1.84
N ARG B 196 11.06 16.33 -2.57
CA ARG B 196 12.24 15.52 -2.33
C ARG B 196 13.49 16.36 -2.62
N LYS B 197 14.57 16.09 -1.91
CA LYS B 197 15.80 16.83 -2.10
C LYS B 197 16.69 15.98 -2.99
N ILE B 198 17.21 16.58 -4.05
CA ILE B 198 18.08 15.87 -4.98
C ILE B 198 19.49 16.47 -5.05
#